data_8PAG
#
_entry.id   8PAG
#
_cell.length_a   151.920
_cell.length_b   151.920
_cell.length_c   59.880
_cell.angle_alpha   90.000
_cell.angle_beta   90.000
_cell.angle_gamma   90.000
#
_symmetry.space_group_name_H-M   'P 43 2 2'
#
loop_
_entity.id
_entity.type
_entity.pdbx_description
1 polymer 'Genome polyprotein'
2 branched 2-acetamido-2-deoxy-beta-D-glucopyranose-(1-4)-2-acetamido-2-deoxy-beta-D-glucopyranose
3 branched alpha-D-mannopyranose-(1-6)-beta-D-mannopyranose-(1-4)-2-acetamido-2-deoxy-beta-D-glucopyranose-(1-4)-2-acetamido-2-deoxy-beta-D-glucopyranose
#
_entity_poly.entity_id   1
_entity_poly.type   'polypeptide(L)'
_entity_poly.pdbx_seq_one_letter_code
;GRYNQVKVDRPDWHTLLQKDLKGVLSGKDGLYILRSNKVWTGGSVIITDEFAVTTFIGDHTGNFKFSVKVMTTPIEMDYC
IKVIDTAKFFCVMVGTPTQRDLVKPPEMLCGCGALEVQDNNSTGLISPGNVLPSKCINGWTGVVTCHCPYTDIKMKFLEN
TTPQKYSKNCPGTYLSDQNFHHDCKYGSQESCIDPEPTKLPPETYEDIQECFWCSYYIKDANFTPHKGPLGWCRVGENEP
YYLTNRKSCVQGGVQIGSGEVTCLIGTTKIKVGNFNETAISFMPCNPIKEASRGPPSRTTCTYKYAKTLKNKIYDEKDRY
WGQYMVKGEYQYWFDLEQDDHVTGGLLKGTGGSGGSGLNDIFEAQKIEWHEGRTKHHHHHH
;
_entity_poly.pdbx_strand_id   A
#
# COMPACT_ATOMS: atom_id res chain seq x y z
N ARG A 2 -7.92 -13.04 -34.58
CA ARG A 2 -7.39 -13.76 -33.44
C ARG A 2 -5.87 -13.76 -33.40
N TYR A 3 -5.28 -12.79 -34.11
CA TYR A 3 -3.81 -12.60 -34.19
C TYR A 3 -3.11 -13.87 -34.65
N ASN A 4 -3.68 -14.54 -35.66
CA ASN A 4 -3.07 -15.72 -36.23
C ASN A 4 -3.16 -15.61 -37.75
N GLN A 5 -2.26 -16.32 -38.44
CA GLN A 5 -2.24 -16.18 -39.89
C GLN A 5 -2.18 -17.51 -40.62
N VAL A 6 -1.51 -18.50 -40.04
CA VAL A 6 -1.30 -19.76 -40.72
C VAL A 6 -2.22 -20.84 -40.15
N LYS A 7 -2.81 -21.63 -41.04
CA LYS A 7 -3.69 -22.72 -40.63
C LYS A 7 -2.96 -23.62 -39.63
N VAL A 8 -3.69 -24.05 -38.61
CA VAL A 8 -3.11 -24.83 -37.52
C VAL A 8 -3.26 -26.33 -37.78
N ASP A 9 -2.13 -27.03 -37.87
CA ASP A 9 -2.07 -28.48 -38.04
C ASP A 9 -1.29 -29.09 -36.89
N ARG A 10 -1.88 -30.05 -36.18
CA ARG A 10 -1.25 -30.67 -35.01
C ARG A 10 -0.63 -32.00 -35.37
N PRO A 11 0.69 -32.18 -35.26
CA PRO A 11 1.29 -33.48 -35.52
C PRO A 11 0.93 -34.49 -34.45
N ASP A 12 1.30 -35.75 -34.70
CA ASP A 12 1.12 -36.78 -33.70
C ASP A 12 2.22 -36.70 -32.66
N TRP A 13 2.09 -37.53 -31.61
CA TRP A 13 3.10 -37.54 -30.57
C TRP A 13 4.43 -37.98 -31.15
N HIS A 14 4.41 -38.94 -32.08
CA HIS A 14 5.64 -39.45 -32.67
C HIS A 14 6.34 -38.40 -33.51
N THR A 15 5.58 -37.64 -34.29
CA THR A 15 6.20 -36.67 -35.19
C THR A 15 6.82 -35.55 -34.38
N LEU A 16 6.19 -35.25 -33.25
CA LEU A 16 6.62 -34.17 -32.38
C LEU A 16 8.04 -34.41 -31.87
N LEU A 17 8.33 -35.67 -31.52
CA LEU A 17 9.60 -36.09 -30.94
C LEU A 17 10.78 -36.10 -31.90
N GLN A 18 10.67 -36.87 -32.98
CA GLN A 18 11.79 -36.98 -33.90
C GLN A 18 12.08 -35.68 -34.61
N LYS A 19 11.11 -34.77 -34.68
CA LYS A 19 11.29 -33.52 -35.40
C LYS A 19 11.74 -32.42 -34.47
N ASP A 20 12.33 -31.40 -35.08
CA ASP A 20 12.82 -30.20 -34.40
C ASP A 20 11.70 -29.18 -34.32
N LEU A 21 11.59 -28.52 -33.17
CA LEU A 21 10.54 -27.55 -32.93
C LEU A 21 11.08 -26.21 -32.47
N LYS A 22 10.56 -25.12 -33.03
CA LYS A 22 10.92 -23.78 -32.60
C LYS A 22 9.68 -22.91 -32.40
N GLY A 23 9.80 -22.01 -31.41
CA GLY A 23 8.71 -21.10 -31.08
C GLY A 23 8.60 -19.97 -32.09
N VAL A 24 7.37 -19.60 -32.41
CA VAL A 24 7.12 -18.60 -33.45
C VAL A 24 6.07 -17.61 -32.92
N LEU A 25 5.96 -16.46 -33.62
CA LEU A 25 5.02 -15.38 -33.29
C LEU A 25 4.23 -14.90 -34.52
N SER A 26 3.11 -15.55 -34.85
CA SER A 26 2.32 -15.20 -36.03
C SER A 26 1.32 -14.08 -35.72
N GLY A 27 1.46 -12.94 -36.40
CA GLY A 27 0.56 -11.83 -36.21
C GLY A 27 -0.11 -11.46 -37.52
N LYS A 28 -0.42 -10.17 -37.71
CA LYS A 28 -0.91 -9.75 -39.02
C LYS A 28 0.26 -9.60 -39.98
N ASP A 29 1.39 -9.13 -39.43
CA ASP A 29 2.61 -9.00 -40.20
C ASP A 29 3.14 -10.36 -40.63
N GLY A 30 3.10 -11.36 -39.75
CA GLY A 30 3.54 -12.72 -40.04
C GLY A 30 4.43 -13.32 -38.97
N LEU A 31 4.85 -14.55 -39.25
CA LEU A 31 5.69 -15.40 -38.38
C LEU A 31 7.08 -14.85 -38.04
N TYR A 32 7.44 -14.82 -36.74
CA TYR A 32 8.79 -14.46 -36.28
C TYR A 32 9.47 -15.63 -35.57
N ILE A 33 10.59 -16.10 -36.12
CA ILE A 33 11.30 -17.25 -35.56
C ILE A 33 12.02 -16.86 -34.26
N LEU A 34 12.05 -17.80 -33.31
CA LEU A 34 12.71 -17.61 -32.02
C LEU A 34 13.68 -18.76 -31.79
N ARG A 35 14.78 -18.45 -31.10
CA ARG A 35 15.81 -19.45 -30.82
C ARG A 35 15.33 -20.42 -29.75
N SER A 36 14.82 -21.58 -30.18
CA SER A 36 14.27 -22.59 -29.28
C SER A 36 15.15 -23.82 -29.20
N ASN A 37 15.25 -24.37 -27.99
CA ASN A 37 16.00 -25.61 -27.75
C ASN A 37 15.09 -26.64 -27.10
N LYS A 38 14.97 -27.82 -27.71
CA LYS A 38 14.11 -28.87 -27.19
C LYS A 38 14.90 -29.78 -26.25
N VAL A 39 14.16 -30.50 -25.40
CA VAL A 39 14.75 -31.38 -24.41
C VAL A 39 13.86 -32.62 -24.36
N TRP A 40 14.42 -33.78 -24.70
CA TRP A 40 13.63 -35.01 -24.57
C TRP A 40 14.44 -36.22 -24.15
N THR A 41 14.20 -36.71 -22.93
CA THR A 41 14.81 -37.95 -22.46
C THR A 41 13.71 -39.01 -22.34
N GLY A 42 12.78 -38.84 -21.41
CA GLY A 42 11.64 -39.73 -21.23
C GLY A 42 10.39 -39.09 -21.79
N GLY A 43 9.26 -39.32 -21.12
CA GLY A 43 8.04 -38.68 -21.61
C GLY A 43 7.87 -37.26 -21.12
N SER A 44 8.70 -36.36 -21.63
CA SER A 44 8.65 -34.95 -21.29
C SER A 44 9.44 -34.17 -22.32
N VAL A 45 8.83 -33.14 -22.91
CA VAL A 45 9.46 -32.37 -23.97
C VAL A 45 9.32 -30.92 -23.58
N ILE A 46 10.44 -30.26 -23.30
CA ILE A 46 10.42 -28.89 -22.80
C ILE A 46 11.09 -27.99 -23.83
N ILE A 47 10.33 -27.06 -24.38
CA ILE A 47 10.87 -26.06 -25.28
C ILE A 47 11.04 -24.78 -24.48
N THR A 48 12.24 -24.23 -24.49
CA THR A 48 12.54 -23.05 -23.72
C THR A 48 12.75 -21.86 -24.65
N ASP A 49 12.03 -20.77 -24.38
CA ASP A 49 12.07 -19.58 -25.21
C ASP A 49 12.07 -18.35 -24.31
N GLU A 50 12.47 -17.24 -24.91
CA GLU A 50 12.46 -15.99 -24.19
C GLU A 50 11.03 -15.63 -23.80
N PHE A 51 10.11 -15.86 -24.73
CA PHE A 51 8.69 -15.64 -24.49
C PHE A 51 8.08 -16.62 -23.49
N ALA A 52 8.37 -17.91 -23.61
CA ALA A 52 7.71 -18.88 -22.74
C ALA A 52 8.42 -20.22 -22.77
N VAL A 53 7.99 -21.11 -21.87
CA VAL A 53 8.54 -22.46 -21.71
C VAL A 53 7.37 -23.42 -21.69
N THR A 54 7.29 -24.28 -22.71
CA THR A 54 6.17 -25.20 -22.88
C THR A 54 6.61 -26.64 -22.60
N THR A 55 5.86 -27.35 -21.76
CA THR A 55 6.13 -28.74 -21.43
C THR A 55 5.12 -29.63 -22.16
N PHE A 56 5.61 -30.53 -23.01
CA PHE A 56 4.75 -31.42 -23.83
C PHE A 56 4.72 -32.82 -23.23
N ILE A 57 3.56 -33.22 -22.73
CA ILE A 57 3.36 -34.53 -22.12
C ILE A 57 2.42 -35.35 -22.98
N GLY A 58 2.96 -36.29 -23.76
CA GLY A 58 2.11 -37.05 -24.66
C GLY A 58 2.13 -38.55 -24.40
N ASP A 59 1.25 -39.02 -23.51
CA ASP A 59 1.15 -40.45 -23.23
C ASP A 59 -0.09 -41.06 -23.86
N HIS A 60 -0.78 -40.34 -24.72
CA HIS A 60 -2.04 -40.79 -25.29
C HIS A 60 -1.83 -41.52 -26.61
N THR A 61 -2.95 -41.89 -27.23
CA THR A 61 -2.96 -42.61 -28.51
C THR A 61 -2.61 -41.61 -29.61
N GLY A 62 -1.33 -41.27 -29.66
CA GLY A 62 -0.82 -40.30 -30.61
C GLY A 62 -1.19 -38.87 -30.29
N ASN A 63 -2.06 -38.64 -29.31
CA ASN A 63 -2.48 -37.30 -28.94
C ASN A 63 -1.43 -36.66 -28.04
N PHE A 64 -1.33 -35.34 -28.13
CA PHE A 64 -0.41 -34.57 -27.31
C PHE A 64 -1.10 -33.44 -26.56
N LYS A 65 -0.63 -33.20 -25.33
CA LYS A 65 -1.12 -32.16 -24.44
C LYS A 65 0.06 -31.37 -23.92
N PHE A 66 -0.21 -30.18 -23.37
CA PHE A 66 0.88 -29.31 -22.95
C PHE A 66 0.44 -28.41 -21.80
N SER A 67 1.37 -27.55 -21.37
CA SER A 67 1.22 -26.53 -20.34
C SER A 67 2.28 -25.48 -20.62
N VAL A 68 2.09 -24.27 -20.11
CA VAL A 68 3.01 -23.19 -20.46
C VAL A 68 3.41 -22.35 -19.27
N LYS A 69 4.71 -22.14 -19.12
CA LYS A 69 5.27 -21.24 -18.13
C LYS A 69 5.54 -19.99 -18.95
N VAL A 70 5.05 -18.84 -18.50
CA VAL A 70 5.14 -17.65 -19.34
C VAL A 70 6.25 -16.74 -18.82
N MET A 71 7.20 -16.47 -19.70
CA MET A 71 8.32 -15.57 -19.44
C MET A 71 7.98 -14.16 -19.90
N THR A 72 7.26 -14.03 -21.02
CA THR A 72 6.90 -12.73 -21.55
C THR A 72 5.57 -12.82 -22.30
N THR A 73 4.59 -12.00 -21.94
CA THR A 73 3.33 -12.00 -22.64
C THR A 73 3.54 -11.36 -24.03
N PRO A 74 2.91 -11.88 -25.09
CA PRO A 74 3.10 -11.24 -26.40
C PRO A 74 1.95 -10.30 -26.73
N ILE A 75 2.15 -9.36 -27.66
CA ILE A 75 1.09 -8.45 -28.07
C ILE A 75 0.71 -8.63 -29.55
N GLU A 76 -0.59 -8.84 -29.81
CA GLU A 76 -1.16 -8.87 -31.16
C GLU A 76 -0.53 -9.96 -32.02
N MET A 77 -0.07 -11.04 -31.40
CA MET A 77 0.54 -12.16 -32.12
C MET A 77 0.58 -13.36 -31.18
N ASP A 78 0.01 -14.48 -31.63
CA ASP A 78 0.01 -15.69 -30.83
C ASP A 78 1.37 -16.37 -30.88
N TYR A 79 1.73 -17.05 -29.78
CA TYR A 79 3.00 -17.78 -29.73
C TYR A 79 2.70 -19.23 -30.05
N CYS A 80 3.01 -19.64 -31.28
CA CYS A 80 2.82 -21.02 -31.71
C CYS A 80 4.15 -21.74 -31.86
N ILE A 81 4.08 -23.03 -32.15
CA ILE A 81 5.27 -23.86 -32.33
C ILE A 81 5.24 -24.49 -33.72
N LYS A 82 6.28 -24.23 -34.52
CA LYS A 82 6.33 -24.80 -35.86
C LYS A 82 7.28 -25.98 -35.84
N VAL A 83 6.97 -27.02 -36.61
CA VAL A 83 7.89 -28.13 -36.79
C VAL A 83 8.88 -27.73 -37.88
N ILE A 84 10.17 -27.84 -37.58
CA ILE A 84 11.19 -27.53 -38.57
C ILE A 84 11.19 -28.60 -39.65
N ASP A 85 11.12 -28.16 -40.92
CA ASP A 85 11.16 -28.92 -42.18
C ASP A 85 9.83 -29.53 -42.60
N THR A 86 8.77 -29.37 -41.84
CA THR A 86 7.45 -29.83 -42.28
C THR A 86 6.44 -28.76 -41.94
N ALA A 87 5.33 -28.78 -42.66
CA ALA A 87 4.32 -27.75 -42.50
C ALA A 87 3.54 -27.86 -41.20
N LYS A 88 3.75 -28.91 -40.39
CA LYS A 88 2.95 -29.05 -39.18
C LYS A 88 3.23 -27.84 -38.29
N PHE A 89 2.22 -26.99 -38.12
CA PHE A 89 2.32 -25.79 -37.28
C PHE A 89 1.10 -25.68 -36.38
N PHE A 90 1.25 -25.90 -35.08
CA PHE A 90 0.15 -25.74 -34.14
C PHE A 90 0.40 -24.50 -33.28
N CYS A 91 -0.64 -24.07 -32.55
CA CYS A 91 -0.52 -22.85 -31.75
C CYS A 91 -0.86 -23.11 -30.28
N VAL A 92 0.09 -22.83 -29.40
CA VAL A 92 -0.04 -23.14 -27.97
C VAL A 92 -0.49 -21.94 -27.12
N MET A 93 0.19 -20.81 -27.21
CA MET A 93 -0.14 -19.63 -26.41
C MET A 93 -1.04 -18.68 -27.18
N VAL A 94 -2.03 -18.11 -26.49
CA VAL A 94 -3.01 -17.25 -27.15
C VAL A 94 -2.48 -15.83 -27.35
N GLY A 95 -1.91 -15.20 -26.33
CA GLY A 95 -1.47 -13.82 -26.44
C GLY A 95 -2.53 -12.83 -25.99
N THR A 96 -2.14 -11.54 -25.94
CA THR A 96 -3.02 -10.48 -25.47
C THR A 96 -2.85 -9.19 -26.29
N PRO A 97 -3.92 -8.34 -26.36
CA PRO A 97 -3.85 -7.10 -27.18
C PRO A 97 -3.01 -5.98 -26.58
N THR A 98 -2.91 -4.81 -27.23
CA THR A 98 -2.20 -3.69 -26.61
C THR A 98 -3.20 -3.01 -25.68
N GLN A 99 -3.40 -3.60 -24.50
CA GLN A 99 -4.42 -3.03 -23.63
C GLN A 99 -4.12 -1.58 -23.33
N ARG A 100 -5.15 -0.74 -23.37
CA ARG A 100 -4.99 0.68 -23.12
C ARG A 100 -6.13 1.19 -22.25
N ASP A 101 -5.88 2.29 -21.55
CA ASP A 101 -6.88 2.96 -20.71
C ASP A 101 -7.49 1.98 -19.72
N LEU A 102 -6.64 1.44 -18.86
CA LEU A 102 -7.09 0.50 -17.83
C LEU A 102 -6.56 0.87 -16.46
N VAL A 103 -7.47 1.02 -15.51
CA VAL A 103 -7.12 1.25 -14.12
C VAL A 103 -7.00 -0.13 -13.46
N LYS A 104 -5.87 -0.38 -12.78
CA LYS A 104 -5.55 -1.71 -12.26
C LYS A 104 -5.34 -2.63 -13.46
N PRO A 105 -4.27 -2.43 -14.22
CA PRO A 105 -4.05 -3.26 -15.41
C PRO A 105 -3.63 -4.66 -15.03
N PRO A 106 -3.89 -5.64 -15.90
CA PRO A 106 -3.48 -7.02 -15.60
C PRO A 106 -1.97 -7.12 -15.63
N GLU A 107 -1.44 -7.99 -14.78
CA GLU A 107 -0.01 -8.21 -14.69
C GLU A 107 0.55 -8.76 -15.99
N MET A 108 1.34 -7.95 -16.70
CA MET A 108 1.95 -8.30 -17.98
C MET A 108 3.45 -8.55 -17.81
N LEU A 109 3.88 -9.78 -18.07
CA LEU A 109 5.28 -10.16 -17.96
C LEU A 109 6.09 -9.75 -19.19
N CYS A 110 7.37 -9.41 -18.96
CA CYS A 110 8.34 -9.15 -20.03
C CYS A 110 9.69 -9.71 -19.57
N GLY A 111 10.03 -10.91 -20.05
CA GLY A 111 11.22 -11.60 -19.62
C GLY A 111 12.41 -11.36 -20.52
N CYS A 112 12.20 -11.53 -21.83
CA CYS A 112 13.23 -11.36 -22.87
C CYS A 112 14.13 -10.17 -22.57
N GLY A 113 13.55 -9.09 -22.03
CA GLY A 113 14.28 -7.90 -21.64
C GLY A 113 13.55 -7.18 -20.51
N ALA A 114 13.76 -5.86 -20.41
CA ALA A 114 13.14 -5.03 -19.39
C ALA A 114 12.29 -3.93 -20.02
N LEU A 115 11.32 -3.46 -19.24
CA LEU A 115 10.37 -2.42 -19.65
C LEU A 115 10.95 -1.01 -19.63
N GLU A 116 10.49 -0.20 -20.58
CA GLU A 116 10.83 1.22 -20.64
C GLU A 116 9.53 1.99 -20.42
N VAL A 117 9.52 2.91 -19.47
CA VAL A 117 8.32 3.65 -19.12
C VAL A 117 8.43 5.08 -19.62
N GLN A 118 7.28 5.64 -20.04
CA GLN A 118 7.19 7.02 -20.49
C GLN A 118 6.06 7.66 -19.67
N ASP A 119 6.39 8.16 -18.48
CA ASP A 119 5.38 8.76 -17.60
C ASP A 119 5.18 10.23 -17.97
N ASN A 120 4.00 10.54 -18.51
CA ASN A 120 3.67 11.93 -18.70
C ASN A 120 3.25 12.45 -17.33
N ASN A 121 3.59 13.71 -17.06
CA ASN A 121 3.33 14.35 -15.77
C ASN A 121 4.30 13.81 -14.71
N SER A 122 5.36 13.12 -15.13
CA SER A 122 6.42 12.63 -14.24
C SER A 122 5.86 11.87 -13.03
N THR A 123 4.90 10.99 -13.31
CA THR A 123 4.22 10.26 -12.23
C THR A 123 5.19 9.43 -11.39
N GLY A 124 6.21 8.86 -12.02
CA GLY A 124 7.09 7.96 -11.29
C GLY A 124 6.31 6.89 -10.54
N LEU A 125 5.41 6.21 -11.24
CA LEU A 125 4.51 5.22 -10.65
C LEU A 125 4.87 3.79 -11.00
N ILE A 126 5.22 3.52 -12.24
CA ILE A 126 5.51 2.17 -12.68
C ILE A 126 7.00 1.91 -12.48
N SER A 127 7.31 1.08 -11.50
CA SER A 127 8.68 0.70 -11.23
C SER A 127 9.29 -0.01 -12.44
N PRO A 128 10.59 0.19 -12.68
CA PRO A 128 11.26 -0.39 -13.84
C PRO A 128 11.58 -1.88 -13.63
N GLY A 129 11.95 -2.53 -14.72
CA GLY A 129 12.34 -3.93 -14.72
C GLY A 129 11.45 -4.83 -15.56
N ASN A 130 11.61 -6.13 -15.33
CA ASN A 130 10.95 -7.16 -16.14
C ASN A 130 9.43 -7.17 -16.04
N VAL A 131 8.88 -7.07 -14.83
CA VAL A 131 7.44 -7.22 -14.67
C VAL A 131 6.69 -5.90 -14.56
N LEU A 132 5.45 -5.93 -15.05
CA LEU A 132 4.48 -4.83 -14.94
C LEU A 132 3.44 -5.34 -13.96
N PRO A 133 3.48 -4.94 -12.70
CA PRO A 133 2.56 -5.53 -11.71
C PRO A 133 1.15 -5.06 -11.94
N SER A 134 0.20 -5.72 -11.26
CA SER A 134 -1.18 -5.24 -11.32
C SER A 134 -1.35 -4.16 -10.26
N LYS A 135 -0.46 -3.18 -10.28
CA LYS A 135 -0.56 -2.06 -9.37
C LYS A 135 -1.78 -1.27 -9.77
N CYS A 136 -2.59 -0.85 -8.80
CA CYS A 136 -3.70 -0.03 -9.21
C CYS A 136 -3.18 1.33 -9.64
N ILE A 137 -3.63 1.79 -10.79
CA ILE A 137 -3.18 3.05 -11.36
C ILE A 137 -4.34 4.02 -11.30
N ASN A 138 -4.35 4.94 -10.32
CA ASN A 138 -5.47 5.87 -10.35
C ASN A 138 -5.28 6.91 -11.45
N GLY A 139 -4.29 7.79 -11.30
CA GLY A 139 -4.02 8.75 -12.35
C GLY A 139 -2.67 8.53 -12.98
N TRP A 140 -2.66 8.28 -14.29
CA TRP A 140 -1.43 8.09 -15.02
C TRP A 140 -1.71 8.21 -16.50
N THR A 141 -0.70 8.66 -17.23
CA THR A 141 -0.76 8.80 -18.67
C THR A 141 0.62 8.48 -19.24
N GLY A 142 0.66 8.01 -20.48
CA GLY A 142 1.89 7.60 -21.14
C GLY A 142 1.92 6.17 -21.67
N VAL A 143 3.11 5.66 -22.00
CA VAL A 143 3.24 4.33 -22.60
C VAL A 143 4.32 3.51 -21.90
N VAL A 144 4.03 2.23 -21.68
CA VAL A 144 4.99 1.27 -21.15
C VAL A 144 5.30 0.25 -22.25
N THR A 145 6.58 0.09 -22.59
CA THR A 145 6.97 -0.81 -23.66
C THR A 145 8.06 -1.79 -23.21
N CYS A 146 7.98 -3.01 -23.76
CA CYS A 146 8.99 -4.04 -23.50
C CYS A 146 10.11 -3.90 -24.54
N HIS A 147 11.24 -4.54 -24.25
CA HIS A 147 12.41 -4.48 -25.12
C HIS A 147 13.28 -5.68 -24.81
N CYS A 148 14.20 -6.00 -25.73
CA CYS A 148 15.14 -7.09 -25.52
C CYS A 148 16.36 -6.80 -26.38
N PRO A 149 17.55 -6.71 -25.77
CA PRO A 149 18.74 -6.30 -26.54
C PRO A 149 19.13 -7.23 -27.67
N TYR A 150 19.09 -8.56 -27.45
CA TYR A 150 19.57 -9.49 -28.46
C TYR A 150 18.74 -9.39 -29.74
N THR A 151 17.41 -9.45 -29.61
CA THR A 151 16.50 -9.28 -30.73
C THR A 151 15.62 -8.07 -30.43
N ASP A 152 15.64 -7.07 -31.31
CA ASP A 152 14.94 -5.81 -30.98
C ASP A 152 13.45 -5.92 -31.23
N ILE A 153 12.76 -6.48 -30.25
CA ILE A 153 11.32 -6.61 -30.26
C ILE A 153 10.79 -5.58 -29.26
N LYS A 154 9.99 -4.64 -29.74
CA LYS A 154 9.39 -3.65 -28.85
C LYS A 154 7.88 -3.87 -28.81
N MET A 155 7.35 -4.19 -27.63
CA MET A 155 5.93 -4.50 -27.49
C MET A 155 5.24 -3.51 -26.55
N LYS A 156 4.16 -2.88 -27.03
CA LYS A 156 3.40 -1.91 -26.23
C LYS A 156 2.46 -2.64 -25.26
N PHE A 157 2.80 -2.68 -23.97
CA PHE A 157 1.87 -3.31 -23.03
C PHE A 157 0.70 -2.40 -22.63
N LEU A 158 0.99 -1.15 -22.25
CA LEU A 158 -0.09 -0.30 -21.75
C LEU A 158 0.13 1.16 -22.06
N GLU A 159 -0.80 1.74 -22.81
CA GLU A 159 -0.81 3.15 -23.16
C GLU A 159 -2.03 3.80 -22.55
N ASN A 160 -1.83 4.86 -21.78
CA ASN A 160 -2.92 5.64 -21.20
C ASN A 160 -2.99 6.99 -21.89
N THR A 161 -4.16 7.33 -22.44
CA THR A 161 -4.30 8.59 -23.16
C THR A 161 -4.96 9.64 -22.26
N THR A 162 -6.07 9.26 -21.65
CA THR A 162 -6.80 10.05 -20.68
C THR A 162 -6.49 9.52 -19.28
N PRO A 163 -6.39 10.34 -18.25
CA PRO A 163 -6.19 9.78 -16.90
C PRO A 163 -7.49 9.39 -16.24
N GLN A 164 -7.76 8.09 -16.10
CA GLN A 164 -8.98 7.61 -15.44
C GLN A 164 -8.63 7.54 -13.97
N LYS A 165 -8.95 8.62 -13.24
CA LYS A 165 -8.56 8.77 -11.84
C LYS A 165 -9.21 7.76 -10.89
N TYR A 166 -10.50 7.45 -11.06
CA TYR A 166 -11.18 6.61 -10.07
C TYR A 166 -11.79 5.33 -10.62
N SER A 167 -11.60 4.23 -9.88
CA SER A 167 -12.18 2.92 -10.17
C SER A 167 -13.03 2.49 -8.98
N LYS A 168 -14.05 1.65 -9.24
CA LYS A 168 -14.98 1.26 -8.18
C LYS A 168 -14.30 0.53 -7.03
N ASN A 169 -13.39 -0.39 -7.35
CA ASN A 169 -12.67 -1.16 -6.36
C ASN A 169 -11.30 -0.56 -6.09
N CYS A 170 -11.06 0.66 -6.57
CA CYS A 170 -9.75 1.27 -6.43
C CYS A 170 -9.88 2.76 -6.18
N PRO A 171 -9.84 3.19 -4.93
CA PRO A 171 -9.96 4.62 -4.63
C PRO A 171 -8.63 5.32 -4.83
N GLY A 172 -8.69 6.65 -4.76
CA GLY A 172 -7.46 7.44 -4.82
C GLY A 172 -7.06 7.76 -3.39
N THR A 173 -7.47 6.89 -2.46
CA THR A 173 -7.23 7.05 -1.04
C THR A 173 -6.40 5.89 -0.51
N TYR A 174 -5.80 6.12 0.65
CA TYR A 174 -5.01 5.12 1.36
C TYR A 174 -5.51 5.10 2.79
N LEU A 175 -5.58 3.90 3.36
CA LEU A 175 -5.99 3.71 4.75
C LEU A 175 -4.82 3.11 5.52
N SER A 176 -4.49 3.71 6.65
CA SER A 176 -3.44 3.16 7.47
C SER A 176 -4.00 2.00 8.28
N ASP A 177 -3.14 1.41 9.12
CA ASP A 177 -3.58 0.25 9.88
C ASP A 177 -4.57 0.65 10.96
N GLN A 178 -4.64 1.95 11.28
CA GLN A 178 -5.58 2.48 12.25
C GLN A 178 -6.77 3.14 11.54
N ASN A 179 -6.92 2.84 10.25
CA ASN A 179 -7.95 3.42 9.39
C ASN A 179 -7.76 4.93 9.20
N PHE A 180 -6.51 5.38 9.36
CA PHE A 180 -6.16 6.78 9.18
C PHE A 180 -6.29 7.13 7.69
N HIS A 181 -7.27 7.97 7.35
CA HIS A 181 -7.52 8.34 5.95
C HIS A 181 -6.47 9.30 5.40
N HIS A 182 -5.81 8.90 4.30
CA HIS A 182 -4.87 9.71 3.55
C HIS A 182 -5.35 9.82 2.11
N ASP A 183 -4.89 10.85 1.39
CA ASP A 183 -5.29 11.06 0.00
C ASP A 183 -4.07 10.95 -0.90
N CYS A 184 -4.18 10.16 -1.97
CA CYS A 184 -3.06 9.87 -2.84
C CYS A 184 -3.16 10.70 -4.13
N LYS A 185 -2.10 11.46 -4.43
CA LYS A 185 -2.09 12.25 -5.65
C LYS A 185 -2.07 11.39 -6.91
N TYR A 186 -1.26 10.32 -6.92
CA TYR A 186 -1.21 9.39 -8.05
C TYR A 186 -1.16 7.94 -7.59
N GLY A 187 -1.84 7.61 -6.50
CA GLY A 187 -1.74 6.28 -5.94
C GLY A 187 -3.07 5.74 -5.46
N SER A 188 -3.06 4.46 -5.11
CA SER A 188 -4.25 3.81 -4.58
C SER A 188 -3.86 3.13 -3.26
N GLN A 189 -4.66 2.15 -2.84
CA GLN A 189 -4.34 1.44 -1.62
C GLN A 189 -3.14 0.53 -1.83
N GLU A 190 -3.01 -0.06 -3.04
CA GLU A 190 -1.89 -0.95 -3.31
C GLU A 190 -0.57 -0.19 -3.36
N SER A 191 -0.56 0.96 -4.02
CA SER A 191 0.65 1.78 -4.13
C SER A 191 0.20 3.22 -4.19
N CYS A 192 0.67 4.04 -3.27
CA CYS A 192 0.18 5.41 -3.13
C CYS A 192 1.32 6.41 -3.23
N ILE A 193 1.18 7.38 -4.15
CA ILE A 193 2.17 8.43 -4.37
C ILE A 193 1.75 9.70 -3.62
N ASP A 194 2.70 10.31 -2.89
CA ASP A 194 2.48 11.56 -2.17
C ASP A 194 1.27 11.58 -1.23
N PRO A 195 1.13 10.60 -0.34
CA PRO A 195 -0.05 10.60 0.53
C PRO A 195 -0.09 11.83 1.42
N GLU A 196 -1.28 12.43 1.50
CA GLU A 196 -1.51 13.63 2.31
C GLU A 196 -2.77 13.38 3.12
N PRO A 197 -2.70 13.43 4.45
CA PRO A 197 -3.88 13.12 5.27
C PRO A 197 -5.09 13.95 4.85
N THR A 198 -6.26 13.33 4.98
CA THR A 198 -7.53 13.99 4.67
C THR A 198 -7.98 14.75 5.90
N LYS A 199 -8.15 16.06 5.76
CA LYS A 199 -8.61 16.87 6.88
C LYS A 199 -10.09 16.63 7.14
N LEU A 200 -10.47 16.70 8.42
CA LEU A 200 -11.87 16.52 8.77
C LEU A 200 -12.66 17.74 8.29
N PRO A 201 -13.91 17.55 7.87
CA PRO A 201 -14.70 18.72 7.44
C PRO A 201 -14.94 19.67 8.58
N PRO A 202 -14.88 20.98 8.31
CA PRO A 202 -15.15 21.97 9.35
C PRO A 202 -16.59 21.96 9.82
N GLU A 203 -16.78 22.25 11.11
CA GLU A 203 -18.07 22.36 11.76
C GLU A 203 -18.75 21.01 12.01
N THR A 204 -18.03 19.91 11.84
CA THR A 204 -18.57 18.59 12.15
C THR A 204 -17.80 17.98 13.31
N TYR A 205 -17.22 18.86 14.13
CA TYR A 205 -16.45 18.45 15.30
C TYR A 205 -17.37 17.95 16.40
N GLU A 206 -18.52 18.57 16.58
CA GLU A 206 -19.46 18.08 17.57
C GLU A 206 -19.90 16.66 17.23
N ASP A 207 -20.09 16.39 15.94
CA ASP A 207 -20.46 15.07 15.44
C ASP A 207 -19.43 13.97 15.76
N ILE A 208 -18.13 14.28 15.74
CA ILE A 208 -17.11 13.24 15.91
C ILE A 208 -17.18 12.58 17.29
N GLN A 209 -16.89 11.28 17.33
CA GLN A 209 -16.97 10.50 18.57
C GLN A 209 -15.62 10.28 19.27
N GLU A 210 -14.70 9.55 18.63
CA GLU A 210 -13.43 9.18 19.23
C GLU A 210 -12.24 9.74 18.46
N CYS A 211 -11.22 10.18 19.20
CA CYS A 211 -10.01 10.76 18.63
C CYS A 211 -8.79 9.97 19.10
N PHE A 212 -7.67 10.08 18.37
CA PHE A 212 -6.40 9.43 18.74
C PHE A 212 -5.26 10.45 18.74
N TRP A 213 -4.46 10.45 19.80
CA TRP A 213 -3.37 11.41 19.89
C TRP A 213 -2.33 10.98 20.94
N CYS A 214 -1.04 11.12 20.58
CA CYS A 214 0.09 10.80 21.47
C CYS A 214 0.02 9.39 22.06
N SER A 215 -0.09 8.39 21.19
CA SER A 215 -0.14 6.98 21.55
C SER A 215 -1.31 6.60 22.44
N TYR A 216 -2.23 7.52 22.72
CA TYR A 216 -3.39 7.24 23.56
C TYR A 216 -4.68 7.47 22.77
N TYR A 217 -5.55 6.47 22.75
CA TYR A 217 -6.86 6.57 22.09
C TYR A 217 -7.84 7.32 22.98
N ILE A 218 -8.17 8.57 22.63
CA ILE A 218 -9.16 9.31 23.41
C ILE A 218 -10.52 8.63 23.33
N LYS A 219 -11.14 8.42 24.49
CA LYS A 219 -12.47 7.82 24.55
C LYS A 219 -13.53 8.91 24.68
N ASP A 220 -14.44 8.94 23.71
CA ASP A 220 -15.56 9.88 23.64
C ASP A 220 -15.14 11.32 23.44
N ALA A 221 -13.91 11.54 22.98
CA ALA A 221 -13.43 12.88 22.64
C ALA A 221 -13.59 13.91 23.76
N ASN A 222 -13.43 13.50 25.01
CA ASN A 222 -13.27 14.49 26.07
C ASN A 222 -11.79 14.63 26.39
N PHE A 223 -11.30 15.88 26.29
CA PHE A 223 -9.94 16.28 26.62
C PHE A 223 -10.11 17.63 27.31
N THR A 224 -10.52 17.60 28.58
CA THR A 224 -10.83 18.86 29.24
C THR A 224 -9.65 19.84 29.33
N PRO A 225 -8.39 19.43 29.52
CA PRO A 225 -7.32 20.44 29.52
C PRO A 225 -6.90 20.97 28.15
N HIS A 226 -7.52 20.51 27.06
CA HIS A 226 -7.10 20.91 25.71
C HIS A 226 -8.28 21.37 24.88
N LYS A 227 -7.96 22.14 23.83
CA LYS A 227 -8.96 22.66 22.90
C LYS A 227 -9.48 21.56 21.98
N GLY A 228 -10.80 21.33 22.01
CA GLY A 228 -11.41 20.36 21.13
C GLY A 228 -11.42 20.83 19.68
N PRO A 229 -11.36 19.88 18.73
CA PRO A 229 -10.72 18.58 18.96
C PRO A 229 -9.25 18.60 18.58
N LEU A 230 -8.63 17.42 18.58
CA LEU A 230 -7.21 17.31 18.28
C LEU A 230 -6.86 15.91 17.79
N GLY A 231 -5.87 15.84 16.90
CA GLY A 231 -5.33 14.59 16.41
C GLY A 231 -6.09 13.99 15.24
N TRP A 232 -6.28 12.68 15.25
CA TRP A 232 -7.05 11.97 14.22
C TRP A 232 -8.40 11.63 14.84
N CYS A 233 -9.49 12.09 14.23
CA CYS A 233 -10.82 11.88 14.82
C CYS A 233 -11.76 11.11 13.88
N ARG A 234 -12.54 10.21 14.48
CA ARG A 234 -13.51 9.35 13.80
C ARG A 234 -14.94 9.86 13.96
N VAL A 235 -15.59 10.20 12.84
CA VAL A 235 -16.99 10.64 12.88
C VAL A 235 -17.86 9.39 12.88
N GLY A 236 -18.74 9.28 13.87
CA GLY A 236 -19.55 8.08 13.95
C GLY A 236 -18.73 6.91 14.46
N GLU A 237 -19.02 5.72 13.93
CA GLU A 237 -18.34 4.50 14.36
C GLU A 237 -18.13 3.58 13.15
N ASN A 238 -17.13 2.72 13.28
CA ASN A 238 -16.74 1.79 12.21
C ASN A 238 -16.46 2.53 10.91
N GLU A 239 -15.75 3.65 11.02
CA GLU A 239 -15.44 4.52 9.90
C GLU A 239 -14.00 4.97 10.03
N PRO A 240 -13.39 5.50 8.97
CA PRO A 240 -12.00 5.95 9.08
C PRO A 240 -11.88 7.25 9.87
N TYR A 241 -10.64 7.53 10.27
CA TYR A 241 -10.27 8.72 11.04
C TYR A 241 -9.74 9.81 10.11
N TYR A 242 -9.95 11.08 10.51
CA TYR A 242 -9.51 12.23 9.73
C TYR A 242 -8.71 13.22 10.59
N LEU A 243 -7.74 13.87 9.96
CA LEU A 243 -6.80 14.78 10.61
C LEU A 243 -7.48 16.09 11.02
N THR A 244 -7.44 16.41 12.32
CA THR A 244 -8.08 17.63 12.81
C THR A 244 -7.05 18.68 13.22
N ASN A 245 -6.47 18.57 14.42
CA ASN A 245 -5.54 19.57 14.93
C ASN A 245 -4.19 18.94 15.26
N ARG A 246 -3.13 19.41 14.58
CA ARG A 246 -1.76 18.96 14.78
C ARG A 246 -1.17 19.56 16.05
N LYS A 247 -1.09 18.77 17.12
CA LYS A 247 -0.51 19.24 18.37
C LYS A 247 0.64 18.33 18.78
N SER A 248 1.75 18.95 19.17
CA SER A 248 2.95 18.21 19.57
C SER A 248 2.66 17.42 20.83
N CYS A 249 3.38 16.31 20.99
CA CYS A 249 3.27 15.54 22.21
C CYS A 249 4.27 16.00 23.27
N VAL A 250 4.73 17.25 23.16
CA VAL A 250 5.67 17.85 24.10
C VAL A 250 5.23 19.28 24.44
N GLN A 251 4.27 19.44 25.35
CA GLN A 251 3.83 20.78 25.73
C GLN A 251 4.85 21.34 26.74
N GLY A 252 5.90 21.95 26.20
CA GLY A 252 7.03 22.44 26.99
C GLY A 252 8.11 21.36 27.14
N GLY A 253 8.21 20.78 28.33
CA GLY A 253 9.18 19.71 28.51
C GLY A 253 8.50 18.51 29.12
N VAL A 254 7.28 18.21 28.65
CA VAL A 254 6.48 17.11 29.17
C VAL A 254 6.02 16.22 28.01
N GLN A 255 6.17 14.90 28.18
CA GLN A 255 5.78 13.94 27.15
C GLN A 255 4.62 13.03 27.54
N ILE A 256 3.63 12.95 26.66
CA ILE A 256 2.47 12.08 26.85
C ILE A 256 2.80 10.63 26.51
N GLY A 257 2.54 9.74 27.44
CA GLY A 257 2.85 8.33 27.25
C GLY A 257 4.16 7.94 27.90
N SER A 258 4.30 6.65 28.17
CA SER A 258 5.48 6.07 28.79
C SER A 258 6.12 7.00 29.81
N GLY A 259 5.38 7.42 30.84
CA GLY A 259 5.88 8.34 31.84
C GLY A 259 5.79 7.81 33.27
N GLU A 260 6.46 8.54 34.16
CA GLU A 260 6.37 8.22 35.59
C GLU A 260 4.96 8.39 36.15
N VAL A 261 4.26 9.46 35.74
CA VAL A 261 3.17 10.02 36.54
C VAL A 261 1.84 9.86 35.79
N THR A 262 0.98 9.01 36.34
CA THR A 262 -0.37 8.78 35.82
C THR A 262 -1.28 9.98 36.10
N CYS A 263 -2.00 10.44 35.08
CA CYS A 263 -2.93 11.56 35.28
C CYS A 263 -4.09 11.40 34.29
N LEU A 264 -4.78 12.50 33.97
CA LEU A 264 -5.98 12.42 33.15
C LEU A 264 -6.13 13.53 32.12
N ILE A 265 -6.35 13.15 30.87
CA ILE A 265 -6.73 14.12 29.83
C ILE A 265 -8.21 13.87 29.55
N GLY A 266 -9.06 14.47 30.40
CA GLY A 266 -10.49 14.27 30.35
C GLY A 266 -10.84 12.99 31.09
N THR A 267 -11.41 12.01 30.40
CA THR A 267 -11.70 10.74 31.06
C THR A 267 -10.57 9.72 30.94
N THR A 268 -9.87 9.72 29.81
CA THR A 268 -8.78 8.79 29.51
C THR A 268 -7.60 8.88 30.46
N LYS A 269 -7.23 7.75 31.07
CA LYS A 269 -6.07 7.70 31.96
C LYS A 269 -4.78 7.68 31.12
N ILE A 270 -3.84 8.57 31.43
CA ILE A 270 -2.59 8.71 30.69
C ILE A 270 -1.37 8.65 31.62
N LYS A 271 -0.19 8.45 31.03
CA LYS A 271 1.08 8.47 31.75
C LYS A 271 1.94 9.58 31.16
N VAL A 272 2.69 10.27 32.04
CA VAL A 272 3.48 11.44 31.66
C VAL A 272 4.90 11.40 32.22
N GLY A 273 5.87 11.78 31.38
CA GLY A 273 7.27 11.69 31.72
C GLY A 273 8.04 12.97 31.46
N ASN A 274 9.09 13.20 32.28
CA ASN A 274 9.94 14.40 32.23
C ASN A 274 10.87 14.43 31.03
N PHE A 275 10.49 15.19 29.99
CA PHE A 275 11.37 15.35 28.85
C PHE A 275 12.59 16.18 29.21
N ASN A 276 12.37 17.37 29.74
CA ASN A 276 13.45 18.23 30.20
C ASN A 276 13.43 18.29 31.73
N GLU A 277 14.55 17.90 32.34
CA GLU A 277 14.67 17.87 33.80
C GLU A 277 14.37 19.24 34.43
N THR A 278 14.91 20.32 33.85
CA THR A 278 14.76 21.65 34.40
C THR A 278 13.80 22.53 33.60
N ALA A 279 12.81 21.93 32.94
CA ALA A 279 11.82 22.69 32.21
C ALA A 279 10.71 23.08 33.18
N ILE A 280 10.36 24.36 33.19
CA ILE A 280 9.33 24.88 34.10
C ILE A 280 8.12 25.20 33.24
N SER A 281 7.13 24.31 33.24
CA SER A 281 5.91 24.50 32.48
C SER A 281 4.76 23.85 33.24
N PHE A 282 3.55 24.01 32.69
CA PHE A 282 2.34 23.50 33.32
C PHE A 282 2.02 22.08 32.84
N MET A 283 1.54 21.26 33.78
CA MET A 283 1.17 19.88 33.46
C MET A 283 0.17 19.85 32.31
N PRO A 284 0.26 18.88 31.41
CA PRO A 284 -0.69 18.82 30.28
C PRO A 284 -1.91 17.95 30.56
N CYS A 285 -2.15 17.61 31.82
CA CYS A 285 -3.27 16.76 32.17
C CYS A 285 -3.88 17.20 33.49
N ASN A 286 -5.10 16.75 33.73
CA ASN A 286 -5.73 17.07 35.01
C ASN A 286 -5.25 16.07 36.06
N PRO A 287 -5.14 16.51 37.32
CA PRO A 287 -4.59 15.65 38.35
C PRO A 287 -5.59 14.65 38.91
N ILE A 288 -5.07 13.72 39.70
CA ILE A 288 -5.86 12.69 40.37
C ILE A 288 -5.93 13.06 41.86
N LYS A 289 -7.14 13.01 42.41
CA LYS A 289 -7.35 13.40 43.81
C LYS A 289 -7.00 12.26 44.76
N GLU A 290 -6.58 12.62 45.97
CA GLU A 290 -6.23 11.64 47.01
C GLU A 290 -6.75 12.11 48.36
N ALA A 291 -7.55 11.28 49.00
CA ALA A 291 -8.15 11.62 50.29
C ALA A 291 -7.17 11.31 51.40
N SER A 292 -6.74 12.35 52.12
CA SER A 292 -5.81 12.20 53.23
C SER A 292 -6.50 12.46 54.57
N ARG A 293 -7.82 12.60 54.59
CA ARG A 293 -8.57 12.85 55.81
C ARG A 293 -8.71 11.54 56.59
N GLY A 294 -7.77 11.31 57.50
CA GLY A 294 -7.80 10.14 58.33
C GLY A 294 -8.62 10.43 59.57
N PRO A 295 -7.94 10.69 60.69
CA PRO A 295 -8.60 11.03 61.96
C PRO A 295 -8.81 12.54 62.15
N THR A 299 -13.38 19.93 62.19
CA THR A 299 -12.54 18.73 62.21
C THR A 299 -11.06 19.11 62.22
N THR A 300 -10.34 18.73 61.17
CA THR A 300 -8.92 19.00 61.07
C THR A 300 -8.61 19.49 59.66
N CYS A 301 -7.32 19.56 59.33
CA CYS A 301 -6.92 20.00 58.00
C CYS A 301 -7.17 18.86 57.01
N THR A 302 -8.08 19.08 56.06
CA THR A 302 -8.35 18.09 55.02
C THR A 302 -7.83 18.63 53.70
N TYR A 303 -6.93 17.88 53.07
CA TYR A 303 -6.37 18.25 51.79
C TYR A 303 -6.47 17.07 50.82
N LYS A 304 -6.41 17.40 49.54
CA LYS A 304 -6.40 16.40 48.48
C LYS A 304 -5.07 16.61 47.75
N TYR A 305 -4.44 15.53 47.28
CA TYR A 305 -3.13 15.70 46.67
C TYR A 305 -2.94 14.78 45.48
N ALA A 306 -2.10 15.25 44.55
CA ALA A 306 -1.75 14.53 43.33
C ALA A 306 -0.24 14.53 43.11
N LYS A 307 0.29 13.38 42.68
CA LYS A 307 1.72 13.30 42.35
C LYS A 307 1.99 14.13 41.10
N THR A 308 3.12 14.83 41.09
CA THR A 308 3.48 15.67 39.96
C THR A 308 4.97 15.56 39.67
N LEU A 309 5.32 15.88 38.43
CA LEU A 309 6.70 15.86 37.96
C LEU A 309 7.46 17.10 38.41
N LYS A 310 8.79 16.97 38.44
CA LYS A 310 9.67 18.08 38.80
C LYS A 310 9.48 19.31 37.92
N ASN A 311 9.29 20.47 38.56
CA ASN A 311 9.05 21.77 37.94
C ASN A 311 7.79 21.82 37.08
N LYS A 312 6.88 20.86 37.26
CA LYS A 312 5.63 20.82 36.51
C LYS A 312 4.49 21.05 37.50
N ILE A 313 3.62 21.99 37.19
CA ILE A 313 2.52 22.37 38.08
C ILE A 313 1.18 22.25 37.34
N TYR A 314 0.23 21.55 37.95
CA TYR A 314 -1.12 21.48 37.40
C TYR A 314 -1.76 22.88 37.42
N ASP A 315 -2.74 23.10 36.53
CA ASP A 315 -3.36 24.42 36.41
C ASP A 315 -4.09 24.88 37.68
N GLU A 316 -4.74 23.97 38.38
CA GLU A 316 -5.54 24.33 39.56
C GLU A 316 -4.73 24.98 40.68
N LYS A 317 -5.03 26.24 40.99
CA LYS A 317 -4.42 26.88 42.14
C LYS A 317 -5.22 26.48 43.36
N ASP A 318 -4.55 26.35 44.50
CA ASP A 318 -5.31 26.09 45.71
C ASP A 318 -6.23 27.26 46.01
N ARG A 319 -7.48 26.95 46.35
CA ARG A 319 -8.46 27.99 46.64
C ARG A 319 -8.11 28.74 47.91
N TYR A 320 -7.90 27.99 49.00
CA TYR A 320 -7.60 28.55 50.32
C TYR A 320 -6.42 29.53 50.30
N TRP A 321 -5.39 29.24 49.50
CA TRP A 321 -4.20 30.09 49.47
C TRP A 321 -4.00 30.87 48.17
N GLY A 322 -4.85 30.68 47.17
CA GLY A 322 -4.69 31.36 45.89
C GLY A 322 -3.34 31.18 45.22
N GLN A 323 -2.58 30.19 45.67
CA GLN A 323 -1.24 29.96 45.18
C GLN A 323 -1.04 28.48 44.87
N TYR A 324 -0.01 28.21 44.06
CA TYR A 324 0.35 26.86 43.65
C TYR A 324 1.06 26.17 44.83
N MET A 325 0.31 25.37 45.57
CA MET A 325 0.81 24.67 46.76
C MET A 325 1.53 23.40 46.34
N VAL A 326 2.85 23.44 46.29
CA VAL A 326 3.67 22.30 45.91
C VAL A 326 4.78 22.07 46.93
N LYS A 327 5.03 20.80 47.27
CA LYS A 327 6.12 20.45 48.18
C LYS A 327 6.65 19.06 47.80
N GLY A 328 7.87 19.03 47.28
CA GLY A 328 8.45 17.78 46.82
C GLY A 328 7.91 17.41 45.46
N GLU A 329 7.39 16.19 45.34
CA GLU A 329 6.76 15.74 44.11
C GLU A 329 5.24 15.68 44.22
N TYR A 330 4.66 16.50 45.10
CA TYR A 330 3.21 16.50 45.30
C TYR A 330 2.65 17.91 45.32
N GLN A 331 1.42 18.04 44.80
CA GLN A 331 0.67 19.28 44.79
C GLN A 331 -0.59 19.08 45.64
N TYR A 332 -0.93 20.06 46.48
CA TYR A 332 -2.04 19.92 47.40
C TYR A 332 -3.11 20.99 47.22
N TRP A 333 -4.34 20.63 47.59
CA TRP A 333 -5.49 21.53 47.56
C TRP A 333 -6.32 21.26 48.81
N PHE A 334 -6.41 22.24 49.70
CA PHE A 334 -7.13 22.10 50.95
C PHE A 334 -8.58 22.52 50.78
N ASP A 335 -9.46 21.87 51.53
CA ASP A 335 -10.89 22.20 51.51
C ASP A 335 -11.13 23.50 52.28
#